data_7TL8
#
_entry.id   7TL8
#
_cell.length_a   46.898
_cell.length_b   74.172
_cell.length_c   75.017
_cell.angle_alpha   90.000
_cell.angle_beta   100.540
_cell.angle_gamma   90.000
#
_symmetry.space_group_name_H-M   'P 1 21 1'
#
loop_
_entity.id
_entity.type
_entity.pdbx_description
1 polymer '2,3-bisphosphoglycerate-independent phosphoglycerate mutase'
2 polymer 'Peptide Sa-D3'
3 non-polymer 'MANGANESE (II) ION'
4 water water
#
loop_
_entity_poly.entity_id
_entity_poly.type
_entity_poly.pdbx_seq_one_letter_code
_entity_poly.pdbx_strand_id
1 'polypeptide(L)'
;MAKKPTALIILDGFANRESEHGNAVKLANKPNFDRYYNKYPTTQIEASGLDVGLPEGQMGNSEVGHMNIGAGRIVYQSLT
RINKSIEDGDFFENDVLNNAIAHVNSHDSALHIFGLLSDGGVHSHYKHLFALLELAKKQGVEKVYVHAFLDGRDVDQKSA
LKYIEETEAKFNELGIGQFASVSGRYYAMDRDKRWEREEKAYNAIRNFDAPTYATAKEGVEASYNEGLTDEFVVPFIVEN
QNDGVNDGDAVIFYNFRPDRAAQLSEIFANRAFEGFKVEQVKDLFYATFTKYNDNIDAAIVFEKVDLNNTIGEIAQNNNL
TQLRIAETEKYPHVTYFMSGGRNEEFKGERRRLIDSPKVATYDLKPEMSAYEVKDALLEELNKGDLDLIILNFANPDMVG
HSGMLEPTIKAIEAVDECLGEVVDKILDMDGYAIITADHGNSDQVLTDDDQPMTTHTTNPVPVIVTKEGVTLRETGRLGD
LAPTLLDLLNVEQPEDMTGESLIKHHHHHHH
;
A
2 'polypeptide(L)' (ACE)(DTY)QVTVWWA(5JP)PWEDC B
#
# COMPACT_ATOMS: atom_id res chain seq x y z
N MET A 1 36.69 -8.39 -12.42
CA MET A 1 37.52 -7.19 -12.07
C MET A 1 36.83 -6.30 -11.04
N ALA A 2 37.55 -5.29 -10.59
CA ALA A 2 36.98 -4.27 -9.71
C ALA A 2 36.04 -3.37 -10.50
N LYS A 3 35.02 -2.82 -9.82
CA LYS A 3 33.93 -2.12 -10.49
C LYS A 3 33.66 -0.76 -9.86
N LYS A 4 33.21 0.18 -10.69
CA LYS A 4 32.78 1.49 -10.23
C LYS A 4 31.30 1.48 -9.87
N PRO A 5 30.93 1.77 -8.62
CA PRO A 5 29.57 1.49 -8.16
C PRO A 5 28.54 2.53 -8.58
N THR A 6 27.32 2.05 -8.82
CA THR A 6 26.15 2.89 -9.01
C THR A 6 25.17 2.62 -7.86
N ALA A 7 24.81 3.66 -7.10
CA ALA A 7 24.04 3.51 -5.87
C ALA A 7 22.75 4.31 -5.93
N LEU A 8 21.64 3.68 -5.57
CA LEU A 8 20.42 4.39 -5.26
C LEU A 8 20.35 4.54 -3.74
N ILE A 9 20.21 5.78 -3.27
CA ILE A 9 20.19 6.11 -1.83
C ILE A 9 18.82 6.70 -1.52
N ILE A 10 18.01 5.96 -0.78
CA ILE A 10 16.66 6.35 -0.45
C ILE A 10 16.69 6.91 0.97
N LEU A 11 16.42 8.22 1.09
CA LEU A 11 16.15 8.87 2.37
C LEU A 11 14.66 8.74 2.67
N ASP A 12 14.28 7.76 3.48
CA ASP A 12 12.88 7.39 3.56
C ASP A 12 12.11 8.51 4.25
N GLY A 13 11.01 8.93 3.64
CA GLY A 13 10.13 9.89 4.29
C GLY A 13 10.74 11.28 4.38
N PHE A 14 11.15 11.81 3.23
CA PHE A 14 11.99 13.02 3.16
C PHE A 14 11.64 13.70 1.84
N ALA A 15 10.91 14.82 1.90
CA ALA A 15 10.36 15.42 0.68
C ALA A 15 10.57 16.95 0.67
N ASN A 16 10.17 17.59 -0.42
CA ASN A 16 10.34 19.03 -0.62
C ASN A 16 9.09 19.79 -0.15
N ARG A 17 9.29 20.79 0.70
CA ARG A 17 8.19 21.63 1.18
C ARG A 17 8.68 23.05 1.41
N GLU A 18 7.87 24.03 1.01
CA GLU A 18 8.31 25.42 1.00
C GLU A 18 8.59 25.96 2.40
N SER A 19 7.59 25.94 3.28
CA SER A 19 7.75 26.50 4.63
C SER A 19 8.75 25.73 5.49
N GLU A 20 9.45 26.46 6.37
CA GLU A 20 10.28 25.81 7.38
C GLU A 20 9.50 25.39 8.62
N HIS A 21 8.18 25.59 8.67
CA HIS A 21 7.43 25.44 9.92
C HIS A 21 7.03 23.97 10.14
N GLY A 22 7.60 23.35 11.16
CA GLY A 22 7.39 21.93 11.27
C GLY A 22 8.13 21.15 10.20
N ASN A 23 9.11 21.76 9.52
CA ASN A 23 9.82 21.15 8.40
C ASN A 23 11.21 20.74 8.86
N ALA A 24 11.31 19.53 9.42
CA ALA A 24 12.60 19.01 9.88
C ALA A 24 13.62 18.92 8.74
N VAL A 25 13.15 18.76 7.50
CA VAL A 25 14.08 18.69 6.37
C VAL A 25 14.86 19.99 6.26
N LYS A 26 14.15 21.12 6.31
CA LYS A 26 14.83 22.41 6.16
C LYS A 26 15.56 22.85 7.42
N LEU A 27 14.99 22.60 8.61
CA LEU A 27 15.67 23.02 9.84
C LEU A 27 16.91 22.19 10.13
N ALA A 28 16.97 20.97 9.62
CA ALA A 28 18.14 20.15 9.90
C ALA A 28 19.37 20.79 9.29
N ASN A 29 20.49 20.68 10.00
CA ASN A 29 21.80 20.97 9.44
C ASN A 29 22.25 19.77 8.63
N LYS A 30 22.12 19.87 7.31
CA LYS A 30 22.47 18.77 6.41
C LYS A 30 23.50 19.27 5.39
N PRO A 31 24.73 19.53 5.85
CA PRO A 31 25.74 20.09 4.93
C PRO A 31 26.11 19.19 3.78
N ASN A 32 26.07 17.87 3.98
CA ASN A 32 26.50 16.99 2.89
C ASN A 32 25.46 16.96 1.79
N PHE A 33 24.20 16.73 2.17
CA PHE A 33 23.13 16.79 1.18
C PHE A 33 23.11 18.11 0.44
N ASP A 34 23.30 19.22 1.17
CA ASP A 34 23.25 20.54 0.56
C ASP A 34 24.40 20.75 -0.41
N ARG A 35 25.59 20.29 -0.04
CA ARG A 35 26.75 20.35 -0.92
C ARG A 35 26.48 19.62 -2.23
N TYR A 36 25.94 18.41 -2.16
CA TYR A 36 25.64 17.63 -3.36
C TYR A 36 24.54 18.29 -4.17
N TYR A 37 23.53 18.83 -3.49
CA TYR A 37 22.39 19.46 -4.18
C TYR A 37 22.83 20.70 -4.97
N ASN A 38 23.77 21.47 -4.45
CA ASN A 38 24.19 22.69 -5.15
C ASN A 38 25.15 22.38 -6.28
N LYS A 39 25.92 21.30 -6.15
CA LYS A 39 26.96 20.95 -7.11
C LYS A 39 26.42 20.19 -8.31
N TYR A 40 25.43 19.32 -8.11
CA TYR A 40 25.07 18.32 -9.09
C TYR A 40 23.70 18.56 -9.64
N PRO A 41 23.39 17.96 -10.78
CA PRO A 41 22.04 18.10 -11.35
C PRO A 41 20.97 17.64 -10.36
N THR A 42 19.83 18.32 -10.40
CA THR A 42 18.74 17.99 -9.48
C THR A 42 17.41 18.16 -10.18
N THR A 43 16.40 17.48 -9.64
CA THR A 43 15.01 17.71 -10.01
C THR A 43 14.14 17.23 -8.84
N GLN A 44 12.86 17.04 -9.09
CA GLN A 44 11.93 16.61 -8.05
C GLN A 44 10.86 15.81 -8.76
N ILE A 45 10.42 14.71 -8.14
CA ILE A 45 9.49 13.79 -8.76
C ILE A 45 8.33 13.46 -7.84
N GLU A 46 7.27 12.95 -8.44
CA GLU A 46 6.04 12.67 -7.71
C GLU A 46 6.12 11.29 -7.09
N ALA A 47 5.65 11.19 -5.84
CA ALA A 47 5.68 9.93 -5.10
C ALA A 47 4.35 9.63 -4.44
N SER A 48 3.27 10.27 -4.90
CA SER A 48 1.95 10.11 -4.30
C SER A 48 0.87 10.04 -5.38
N GLY A 49 -0.31 9.61 -4.96
CA GLY A 49 -1.48 9.61 -5.84
C GLY A 49 -1.32 8.70 -7.03
N LEU A 50 -1.85 9.14 -8.18
CA LEU A 50 -1.86 8.28 -9.35
C LEU A 50 -0.45 8.00 -9.87
N ASP A 51 0.48 8.91 -9.62
CA ASP A 51 1.84 8.71 -10.08
C ASP A 51 2.50 7.47 -9.47
N VAL A 52 1.98 6.96 -8.34
CA VAL A 52 2.52 5.72 -7.77
C VAL A 52 1.42 4.68 -7.71
N GLY A 53 0.43 4.79 -8.59
CA GLY A 53 -0.56 3.75 -8.69
C GLY A 53 -1.61 3.80 -7.61
N LEU A 54 -1.66 4.87 -6.85
CA LEU A 54 -2.69 5.02 -5.83
C LEU A 54 -3.81 5.89 -6.34
N PRO A 55 -4.95 5.89 -5.64
CA PRO A 55 -6.00 6.85 -5.99
C PRO A 55 -5.50 8.27 -5.86
N GLU A 56 -6.02 9.11 -6.75
CA GLU A 56 -5.78 10.54 -6.68
C GLU A 56 -6.00 11.09 -5.29
N GLY A 57 -5.02 11.86 -4.80
CA GLY A 57 -5.08 12.47 -3.49
C GLY A 57 -4.34 11.71 -2.38
N GLN A 58 -4.06 10.42 -2.57
CA GLN A 58 -3.57 9.60 -1.48
C GLN A 58 -2.06 9.75 -1.31
N MET A 59 -1.62 10.05 -0.10
CA MET A 59 -0.19 10.09 0.20
C MET A 59 0.47 8.78 -0.20
N GLY A 60 1.75 8.86 -0.55
CA GLY A 60 2.53 7.68 -0.83
C GLY A 60 2.94 7.01 0.45
N ASN A 61 3.66 5.90 0.29
CA ASN A 61 4.08 5.10 1.43
C ASN A 61 5.25 4.21 1.02
N SER A 62 5.84 3.56 2.02
CA SER A 62 7.10 2.88 1.78
C SER A 62 6.92 1.65 0.89
N GLU A 63 5.80 0.96 1.05
CA GLU A 63 5.58 -0.27 0.30
C GLU A 63 5.34 0.04 -1.16
N VAL A 64 4.36 0.88 -1.44
CA VAL A 64 4.12 1.39 -2.79
C VAL A 64 5.36 2.06 -3.37
N GLY A 65 6.03 2.90 -2.61
CA GLY A 65 7.16 3.65 -3.14
C GLY A 65 8.30 2.74 -3.55
N HIS A 66 8.63 1.76 -2.71
CA HIS A 66 9.73 0.86 -3.05
C HIS A 66 9.36 -0.05 -4.23
N MET A 67 8.09 -0.43 -4.35
CA MET A 67 7.69 -1.22 -5.52
C MET A 67 7.80 -0.40 -6.80
N ASN A 68 7.36 0.86 -6.77
CA ASN A 68 7.46 1.69 -7.98
C ASN A 68 8.92 1.96 -8.35
N ILE A 69 9.76 2.24 -7.36
CA ILE A 69 11.21 2.40 -7.59
C ILE A 69 11.78 1.16 -8.27
N GLY A 70 11.54 -0.02 -7.70
CA GLY A 70 12.13 -1.22 -8.26
C GLY A 70 11.58 -1.57 -9.63
N ALA A 71 10.30 -1.31 -9.86
CA ALA A 71 9.63 -1.78 -11.08
C ALA A 71 9.94 -0.92 -12.32
N GLY A 72 10.31 0.35 -12.17
CA GLY A 72 10.55 1.17 -13.35
C GLY A 72 9.29 1.40 -14.15
N ARG A 73 8.14 1.39 -13.49
CA ARG A 73 6.83 1.58 -14.08
C ARG A 73 5.87 2.00 -12.97
N ILE A 74 4.70 2.53 -13.33
CA ILE A 74 3.64 2.68 -12.33
C ILE A 74 3.07 1.31 -12.02
N VAL A 75 3.14 0.92 -10.74
CA VAL A 75 2.57 -0.32 -10.26
C VAL A 75 1.17 0.02 -9.73
N TYR A 76 0.13 -0.45 -10.43
CA TYR A 76 -1.22 -0.04 -10.09
C TYR A 76 -1.74 -0.95 -8.99
N GLN A 77 -2.27 -0.33 -7.94
CA GLN A 77 -2.83 -1.07 -6.83
C GLN A 77 -4.22 -1.61 -7.17
N SER A 78 -4.65 -2.60 -6.39
CA SER A 78 -5.91 -3.28 -6.63
C SER A 78 -7.08 -2.31 -6.66
N LEU A 79 -7.21 -1.48 -5.62
CA LEU A 79 -8.29 -0.49 -5.58
C LEU A 79 -8.30 0.37 -6.84
N THR A 80 -7.13 0.89 -7.21
CA THR A 80 -7.03 1.71 -8.41
C THR A 80 -7.44 0.93 -9.65
N ARG A 81 -7.01 -0.33 -9.76
CA ARG A 81 -7.36 -1.11 -10.94
C ARG A 81 -8.86 -1.36 -11.01
N ILE A 82 -9.49 -1.69 -9.87
CA ILE A 82 -10.92 -1.97 -9.90
C ILE A 82 -11.69 -0.71 -10.26
N ASN A 83 -11.37 0.40 -9.60
CA ASN A 83 -12.01 1.67 -9.94
C ASN A 83 -11.89 1.94 -11.44
N LYS A 84 -10.72 1.67 -12.04
CA LYS A 84 -10.53 1.95 -13.46
C LYS A 84 -11.36 1.01 -14.32
N SER A 85 -11.49 -0.25 -13.93
CA SER A 85 -12.30 -1.17 -14.73
C SER A 85 -13.77 -0.75 -14.72
N ILE A 86 -14.24 -0.17 -13.62
CA ILE A 86 -15.60 0.36 -13.57
C ILE A 86 -15.70 1.61 -14.46
N GLU A 87 -14.79 2.56 -14.31
CA GLU A 87 -14.85 3.78 -15.14
C GLU A 87 -14.72 3.46 -16.62
N ASP A 88 -14.10 2.34 -16.99
CA ASP A 88 -13.87 1.98 -18.39
C ASP A 88 -14.77 0.84 -18.88
N GLY A 89 -15.63 0.28 -18.03
CA GLY A 89 -16.63 -0.70 -18.46
C GLY A 89 -16.21 -2.15 -18.31
N ASP A 90 -14.92 -2.46 -18.38
CA ASP A 90 -14.41 -3.82 -18.23
C ASP A 90 -15.13 -4.59 -17.11
N PHE A 91 -15.32 -3.92 -15.97
CA PHE A 91 -16.00 -4.52 -14.83
C PHE A 91 -17.29 -5.22 -15.25
N PHE A 92 -18.11 -4.53 -16.05
CA PHE A 92 -19.40 -5.08 -16.44
C PHE A 92 -19.29 -6.18 -17.48
N GLU A 93 -18.19 -6.25 -18.22
CA GLU A 93 -17.93 -7.36 -19.11
C GLU A 93 -17.18 -8.50 -18.40
N ASN A 94 -16.95 -8.38 -17.10
CA ASN A 94 -16.18 -9.38 -16.38
C ASN A 94 -16.88 -10.74 -16.44
N ASP A 95 -16.15 -11.73 -16.94
CA ASP A 95 -16.72 -13.06 -17.13
C ASP A 95 -17.25 -13.65 -15.83
N VAL A 96 -16.46 -13.57 -14.76
CA VAL A 96 -16.90 -14.25 -13.54
C VAL A 96 -18.13 -13.57 -12.96
N LEU A 97 -18.32 -12.26 -13.21
CA LEU A 97 -19.50 -11.58 -12.71
C LEU A 97 -20.73 -11.92 -13.55
N ASN A 98 -20.60 -11.87 -14.89
CA ASN A 98 -21.71 -12.25 -15.75
C ASN A 98 -22.06 -13.72 -15.59
N ASN A 99 -21.07 -14.58 -15.34
CA ASN A 99 -21.36 -15.96 -14.99
C ASN A 99 -22.24 -16.02 -13.76
N ALA A 100 -21.79 -15.39 -12.68
CA ALA A 100 -22.53 -15.40 -11.41
C ALA A 100 -23.97 -14.96 -11.62
N ILE A 101 -24.17 -13.90 -12.40
CA ILE A 101 -25.51 -13.41 -12.66
C ILE A 101 -26.33 -14.47 -13.40
N ALA A 102 -25.75 -15.03 -14.45
CA ALA A 102 -26.45 -16.07 -15.22
C ALA A 102 -26.88 -17.24 -14.34
N HIS A 103 -26.11 -17.53 -13.28
CA HIS A 103 -26.40 -18.71 -12.46
C HIS A 103 -27.63 -18.53 -11.58
N VAL A 104 -27.89 -17.32 -11.08
CA VAL A 104 -29.06 -17.16 -10.22
C VAL A 104 -30.33 -16.97 -11.04
N ASN A 105 -30.20 -16.56 -12.32
CA ASN A 105 -31.34 -16.44 -13.20
C ASN A 105 -31.79 -17.80 -13.72
N SER A 106 -30.85 -18.75 -13.82
CA SER A 106 -31.17 -20.11 -14.24
C SER A 106 -31.72 -20.93 -13.09
N HIS A 107 -31.38 -20.59 -11.85
CA HIS A 107 -32.09 -21.08 -10.68
C HIS A 107 -33.06 -20.03 -10.13
N ASP A 108 -33.34 -18.99 -10.90
CA ASP A 108 -34.16 -17.86 -10.45
C ASP A 108 -35.44 -18.30 -9.78
N LEU A 111 -28.90 -13.97 -5.23
CA LEU A 111 -27.59 -13.29 -5.19
C LEU A 111 -27.31 -12.55 -3.89
N HIS A 112 -26.54 -13.15 -2.98
CA HIS A 112 -26.06 -12.40 -1.83
C HIS A 112 -24.80 -11.62 -2.20
N ILE A 113 -24.50 -10.59 -1.41
CA ILE A 113 -23.26 -9.81 -1.55
C ILE A 113 -22.72 -9.52 -0.15
N PHE A 114 -21.50 -9.97 0.13
CA PHE A 114 -20.78 -9.72 1.38
C PHE A 114 -19.74 -8.62 1.18
N GLY A 115 -19.47 -7.87 2.24
CA GLY A 115 -18.44 -6.84 2.10
C GLY A 115 -18.46 -5.72 3.09
N LEU A 116 -17.27 -5.17 3.32
CA LEU A 116 -17.11 -4.05 4.23
C LEU A 116 -17.76 -2.82 3.60
N LEU A 117 -18.74 -2.24 4.28
CA LEU A 117 -19.54 -1.19 3.70
C LEU A 117 -18.99 0.17 4.13
N SER A 118 -17.96 0.62 3.40
CA SER A 118 -17.39 1.96 3.65
C SER A 118 -16.53 2.32 2.45
N ASP A 119 -15.98 3.52 2.48
CA ASP A 119 -15.04 3.96 1.47
C ASP A 119 -13.62 3.99 2.02
N GLY A 120 -13.33 3.13 3.00
CA GLY A 120 -12.00 3.08 3.57
C GLY A 120 -10.93 2.72 2.56
N GLY A 121 -11.23 1.85 1.61
CA GLY A 121 -10.27 1.51 0.58
C GLY A 121 -9.13 0.62 1.02
N VAL A 122 -9.12 0.18 2.27
CA VAL A 122 -8.06 -0.72 2.74
C VAL A 122 -8.41 -2.16 2.44
N HIS A 123 -9.65 -2.56 2.72
CA HIS A 123 -10.12 -3.90 2.47
C HIS A 123 -11.16 -3.99 1.36
N SER A 124 -11.79 -2.87 0.99
CA SER A 124 -12.89 -2.86 0.03
C SER A 124 -13.21 -1.41 -0.31
N HIS A 125 -14.20 -1.24 -1.20
CA HIS A 125 -14.85 0.05 -1.38
C HIS A 125 -16.31 -0.18 -1.77
N TYR A 126 -17.26 0.45 -1.06
CA TYR A 126 -18.68 0.22 -1.32
C TYR A 126 -19.14 0.74 -2.69
N LYS A 127 -18.43 1.67 -3.33
CA LYS A 127 -18.77 2.00 -4.71
C LYS A 127 -18.64 0.79 -5.65
N HIS A 128 -17.79 -0.19 -5.29
CA HIS A 128 -17.76 -1.42 -6.07
C HIS A 128 -19.06 -2.20 -5.87
N LEU A 129 -19.64 -2.13 -4.67
CA LEU A 129 -20.98 -2.68 -4.45
C LEU A 129 -22.01 -1.98 -5.32
N PHE A 130 -21.91 -0.66 -5.43
CA PHE A 130 -22.84 0.07 -6.28
C PHE A 130 -22.74 -0.38 -7.73
N ALA A 131 -21.56 -0.85 -8.14
CA ALA A 131 -21.39 -1.33 -9.51
C ALA A 131 -21.94 -2.74 -9.68
N LEU A 132 -21.75 -3.61 -8.68
CA LEU A 132 -22.39 -4.92 -8.72
C LEU A 132 -23.90 -4.78 -8.88
N LEU A 133 -24.53 -3.98 -8.03
CA LEU A 133 -25.96 -3.74 -8.12
C LEU A 133 -26.35 -3.31 -9.53
N GLU A 134 -25.74 -2.23 -10.03
CA GLU A 134 -26.08 -1.70 -11.35
C GLU A 134 -25.95 -2.77 -12.43
N LEU A 135 -24.88 -3.56 -12.38
CA LEU A 135 -24.74 -4.68 -13.30
C LEU A 135 -25.94 -5.61 -13.20
N ALA A 136 -26.27 -6.05 -11.98
CA ALA A 136 -27.44 -6.90 -11.77
C ALA A 136 -28.72 -6.23 -12.26
N LYS A 137 -28.80 -4.89 -12.17
CA LYS A 137 -29.97 -4.18 -12.70
C LYS A 137 -29.98 -4.18 -14.22
N LYS A 138 -28.81 -4.24 -14.85
CA LYS A 138 -28.76 -4.35 -16.31
C LYS A 138 -29.17 -5.75 -16.76
N GLN A 139 -28.54 -6.78 -16.17
CA GLN A 139 -28.86 -8.17 -16.46
C GLN A 139 -30.09 -8.66 -15.69
N GLY A 140 -30.92 -7.74 -15.21
CA GLY A 140 -32.23 -8.08 -14.67
C GLY A 140 -32.23 -9.17 -13.63
N VAL A 141 -31.62 -8.92 -12.48
CA VAL A 141 -31.67 -9.83 -11.34
C VAL A 141 -32.79 -9.37 -10.42
N GLU A 142 -33.48 -10.32 -9.80
CA GLU A 142 -34.67 -10.02 -9.01
C GLU A 142 -34.34 -9.89 -7.52
N LYS A 143 -33.80 -10.95 -6.92
CA LYS A 143 -33.48 -10.98 -5.50
C LYS A 143 -31.97 -10.72 -5.29
N VAL A 144 -31.64 -9.55 -4.76
CA VAL A 144 -30.28 -9.19 -4.35
C VAL A 144 -30.28 -8.87 -2.86
N TYR A 145 -29.56 -9.66 -2.08
CA TYR A 145 -29.45 -9.46 -0.64
C TYR A 145 -28.03 -9.01 -0.30
N VAL A 146 -27.90 -7.87 0.38
CA VAL A 146 -26.60 -7.33 0.75
C VAL A 146 -26.39 -7.58 2.24
N HIS A 147 -25.34 -8.31 2.56
CA HIS A 147 -24.92 -8.53 3.95
C HIS A 147 -23.76 -7.59 4.27
N ALA A 148 -23.99 -6.66 5.20
CA ALA A 148 -23.10 -5.52 5.39
C ALA A 148 -22.20 -5.76 6.59
N PHE A 149 -20.89 -5.58 6.39
CA PHE A 149 -19.95 -5.51 7.48
C PHE A 149 -19.59 -4.06 7.71
N LEU A 150 -19.70 -3.63 8.95
CA LEU A 150 -19.55 -2.23 9.32
C LEU A 150 -18.11 -1.95 9.75
N ASP A 151 -17.61 -0.79 9.36
CA ASP A 151 -16.18 -0.48 9.47
C ASP A 151 -15.88 0.27 10.77
N GLY A 152 -15.93 1.60 10.75
CA GLY A 152 -15.58 2.38 11.92
C GLY A 152 -14.12 2.36 12.28
N ARG A 153 -13.26 1.83 11.40
CA ARG A 153 -11.85 1.61 11.68
C ARG A 153 -10.96 2.21 10.59
N ASP A 154 -11.32 1.98 9.32
CA ASP A 154 -10.67 2.67 8.21
C ASP A 154 -11.36 4.00 7.89
N VAL A 155 -12.47 4.27 8.58
CA VAL A 155 -13.27 5.47 8.42
C VAL A 155 -13.73 5.90 9.82
N ASP A 156 -14.50 7.00 9.88
CA ASP A 156 -14.93 7.54 11.17
C ASP A 156 -15.60 6.47 12.02
N GLN A 157 -15.26 6.46 13.31
CA GLN A 157 -15.73 5.43 14.22
C GLN A 157 -17.24 5.24 14.20
N LYS A 158 -18.02 6.31 14.01
CA LYS A 158 -19.49 6.22 14.00
C LYS A 158 -19.98 6.86 12.71
N SER A 159 -19.96 6.08 11.63
CA SER A 159 -20.32 6.59 10.31
C SER A 159 -21.17 5.60 9.53
N ALA A 160 -21.47 4.44 10.10
CA ALA A 160 -22.19 3.40 9.39
C ALA A 160 -23.55 3.87 8.88
N LEU A 161 -24.24 4.74 9.62
CA LEU A 161 -25.57 5.16 9.19
C LEU A 161 -25.51 5.92 7.87
N LYS A 162 -24.49 6.75 7.70
CA LYS A 162 -24.27 7.40 6.40
C LYS A 162 -24.17 6.37 5.27
N TYR A 163 -23.31 5.34 5.43
CA TYR A 163 -23.14 4.37 4.36
C TYR A 163 -24.43 3.59 4.12
N ILE A 164 -25.14 3.23 5.19
CA ILE A 164 -26.39 2.48 5.07
C ILE A 164 -27.43 3.31 4.34
N GLU A 165 -27.48 4.61 4.64
CA GLU A 165 -28.48 5.49 4.04
C GLU A 165 -28.23 5.67 2.55
N GLU A 166 -26.98 5.99 2.20
CA GLU A 166 -26.61 6.11 0.79
C GLU A 166 -26.91 4.82 0.04
N THR A 167 -26.68 3.67 0.67
CA THR A 167 -26.86 2.40 -0.04
C THR A 167 -28.33 2.07 -0.21
N GLU A 168 -29.17 2.39 0.76
CA GLU A 168 -30.59 2.15 0.56
C GLU A 168 -31.19 3.14 -0.44
N ALA A 169 -30.73 4.40 -0.42
CA ALA A 169 -31.02 5.32 -1.52
C ALA A 169 -30.67 4.70 -2.86
N LYS A 170 -29.50 4.07 -2.97
CA LYS A 170 -29.15 3.38 -4.21
C LYS A 170 -30.12 2.23 -4.47
N PHE A 171 -30.45 1.46 -3.44
CA PHE A 171 -31.45 0.41 -3.59
C PHE A 171 -32.73 0.97 -4.18
N ASN A 172 -33.08 2.20 -3.80
CA ASN A 172 -34.33 2.82 -4.23
C ASN A 172 -34.18 3.52 -5.57
N GLU A 173 -33.15 4.34 -5.71
CA GLU A 173 -32.86 4.96 -6.99
C GLU A 173 -32.59 3.92 -8.09
N LEU A 174 -32.31 2.68 -7.71
CA LEU A 174 -32.01 1.60 -8.65
C LEU A 174 -33.09 0.54 -8.74
N GLY A 175 -33.71 0.15 -7.62
CA GLY A 175 -34.90 -0.66 -7.63
C GLY A 175 -34.74 -2.05 -7.04
N ILE A 176 -33.54 -2.60 -7.02
CA ILE A 176 -33.29 -3.91 -6.44
C ILE A 176 -32.30 -3.74 -5.29
N GLY A 177 -32.14 -4.81 -4.50
CA GLY A 177 -31.24 -4.89 -3.36
C GLY A 177 -31.92 -4.58 -2.03
N GLN A 178 -31.41 -5.22 -0.97
CA GLN A 178 -31.83 -4.92 0.39
C GLN A 178 -30.82 -5.51 1.37
N PHE A 179 -30.87 -5.00 2.61
CA PHE A 179 -30.01 -5.45 3.71
C PHE A 179 -30.65 -6.63 4.41
N ALA A 180 -29.94 -7.76 4.43
CA ALA A 180 -30.37 -8.93 5.17
C ALA A 180 -29.74 -9.02 6.55
N SER A 181 -28.50 -8.53 6.70
CA SER A 181 -27.76 -8.69 7.95
C SER A 181 -26.70 -7.61 8.05
N VAL A 182 -26.30 -7.33 9.28
CA VAL A 182 -25.41 -6.21 9.60
C VAL A 182 -24.52 -6.69 10.74
N SER A 183 -23.20 -6.63 10.54
CA SER A 183 -22.20 -7.17 11.48
C SER A 183 -21.02 -6.22 11.59
N GLY A 184 -20.62 -5.88 12.82
CA GLY A 184 -19.39 -5.13 12.97
C GLY A 184 -18.21 -5.97 12.47
N ARG A 185 -17.26 -5.31 11.78
CA ARG A 185 -16.06 -6.03 11.32
C ARG A 185 -15.32 -6.74 12.46
N TYR A 186 -15.52 -6.31 13.72
CA TYR A 186 -14.97 -7.03 14.88
C TYR A 186 -15.48 -8.46 14.94
N TYR A 187 -16.54 -8.79 14.22
CA TYR A 187 -17.07 -10.15 14.14
C TYR A 187 -16.81 -10.77 12.77
N ALA A 188 -17.29 -10.15 11.69
CA ALA A 188 -17.19 -10.72 10.36
C ALA A 188 -15.79 -10.63 9.75
N MET A 189 -14.89 -9.85 10.35
CA MET A 189 -13.56 -9.67 9.77
C MET A 189 -12.47 -9.75 10.84
N ASP A 190 -12.62 -10.66 11.79
CA ASP A 190 -11.52 -11.04 12.67
C ASP A 190 -10.47 -11.81 11.86
N ARG A 191 -9.21 -11.75 12.31
CA ARG A 191 -8.15 -12.54 11.67
C ARG A 191 -7.24 -13.23 12.68
N ASP A 192 -7.48 -13.08 13.97
CA ASP A 192 -6.70 -13.72 15.01
C ASP A 192 -7.34 -15.00 15.51
N LYS A 193 -7.93 -15.79 14.61
CA LYS A 193 -8.50 -17.10 14.97
C LYS A 193 -9.39 -17.01 16.21
N ARG A 194 -10.31 -16.05 16.20
CA ARG A 194 -11.26 -15.86 17.29
C ARG A 194 -12.64 -16.24 16.74
N TRP A 195 -12.90 -17.54 16.72
CA TRP A 195 -14.05 -18.08 16.01
C TRP A 195 -15.36 -17.94 16.77
N GLU A 196 -15.34 -17.62 18.08
CA GLU A 196 -16.58 -17.25 18.75
C GLU A 196 -17.17 -15.99 18.15
N ARG A 197 -16.29 -15.05 17.76
CA ARG A 197 -16.74 -13.80 17.13
C ARG A 197 -17.20 -14.04 15.70
N GLU A 198 -16.45 -14.83 14.93
CA GLU A 198 -16.87 -15.17 13.57
C GLU A 198 -18.26 -15.80 13.54
N GLU A 199 -18.56 -16.64 14.53
CA GLU A 199 -19.82 -17.39 14.52
C GLU A 199 -21.04 -16.46 14.52
N LYS A 200 -21.07 -15.49 15.44
CA LYS A 200 -22.20 -14.56 15.49
C LYS A 200 -22.48 -13.99 14.11
N ALA A 201 -21.42 -13.63 13.38
CA ALA A 201 -21.59 -13.10 12.03
C ALA A 201 -22.12 -14.17 11.07
N TYR A 202 -21.59 -15.39 11.14
CA TYR A 202 -22.13 -16.48 10.33
C TYR A 202 -23.63 -16.60 10.53
N ASN A 203 -24.07 -16.58 11.78
CA ASN A 203 -25.46 -16.87 12.08
C ASN A 203 -26.38 -15.78 11.54
N ALA A 204 -26.03 -14.52 11.76
CA ALA A 204 -26.84 -13.42 11.23
C ALA A 204 -27.00 -13.55 9.72
N ILE A 205 -25.91 -13.84 9.01
CA ILE A 205 -25.96 -13.95 7.55
C ILE A 205 -27.02 -14.96 7.13
N ASN A 207 -29.71 -17.27 7.78
CA ASN A 207 -30.70 -16.67 8.69
C ASN A 207 -30.99 -17.60 9.87
N PHE A 208 -30.04 -17.71 10.80
CA PHE A 208 -30.17 -18.63 11.93
C PHE A 208 -30.27 -17.82 13.23
N ASP A 209 -29.88 -18.43 14.35
CA ASP A 209 -30.15 -17.83 15.66
C ASP A 209 -29.34 -16.55 15.83
N ALA A 210 -30.02 -15.41 15.95
CA ALA A 210 -29.32 -14.13 16.01
C ALA A 210 -30.25 -12.95 16.29
N PRO A 211 -29.74 -11.86 16.87
CA PRO A 211 -30.58 -10.69 17.12
C PRO A 211 -31.26 -10.19 15.87
N THR A 212 -32.45 -9.59 16.05
CA THR A 212 -33.28 -9.13 14.95
C THR A 212 -33.79 -7.72 15.23
N TYR A 213 -33.82 -6.90 14.17
CA TYR A 213 -34.25 -5.52 14.27
C TYR A 213 -34.99 -5.17 12.99
N ALA A 214 -35.81 -4.12 13.05
CA ALA A 214 -36.70 -3.83 11.93
C ALA A 214 -35.99 -3.15 10.78
N THR A 215 -34.92 -2.42 11.05
CA THR A 215 -34.07 -1.84 10.01
C THR A 215 -32.61 -1.89 10.44
N ALA A 216 -31.74 -1.81 9.44
CA ALA A 216 -30.30 -1.63 9.67
C ALA A 216 -30.07 -0.43 10.57
N LYS A 217 -30.73 0.69 10.27
CA LYS A 217 -30.60 1.88 11.09
C LYS A 217 -30.96 1.58 12.55
N GLU A 218 -32.01 0.80 12.77
CA GLU A 218 -32.48 0.57 14.14
C GLU A 218 -31.45 -0.21 14.96
N GLY A 219 -30.99 -1.35 14.44
CA GLY A 219 -29.99 -2.13 15.15
C GLY A 219 -28.73 -1.33 15.44
N VAL A 220 -28.24 -0.60 14.45
CA VAL A 220 -27.05 0.22 14.65
C VAL A 220 -27.29 1.25 15.73
N GLU A 221 -28.45 1.92 15.71
CA GLU A 221 -28.71 2.91 16.75
C GLU A 221 -28.81 2.24 18.11
N ALA A 222 -29.36 1.03 18.17
CA ALA A 222 -29.39 0.26 19.41
C ALA A 222 -27.97 0.03 19.93
N SER A 223 -27.06 -0.38 19.04
CA SER A 223 -25.66 -0.56 19.42
C SER A 223 -25.08 0.73 19.98
N TYR A 224 -25.21 1.86 19.27
CA TYR A 224 -24.72 3.13 19.81
C TYR A 224 -25.26 3.39 21.23
N ASN A 225 -26.58 3.28 21.43
CA ASN A 225 -27.15 3.53 22.75
C ASN A 225 -26.52 2.68 23.83
N GLU A 226 -25.87 1.56 23.45
CA GLU A 226 -25.19 0.67 24.38
C GLU A 226 -23.68 0.88 24.39
N GLY A 227 -23.20 2.04 23.93
CA GLY A 227 -21.78 2.36 23.96
C GLY A 227 -20.92 1.67 22.90
N LEU A 228 -21.52 1.00 21.94
CA LEU A 228 -20.80 0.20 20.96
C LEU A 228 -20.89 0.85 19.57
N THR A 229 -19.73 1.24 19.01
CA THR A 229 -19.66 1.87 17.69
C THR A 229 -19.60 0.83 16.57
N ASP A 230 -19.42 1.32 15.34
CA ASP A 230 -19.64 0.50 14.13
C ASP A 230 -18.83 -0.78 14.15
N GLU A 231 -17.53 -0.67 14.47
CA GLU A 231 -16.65 -1.82 14.43
C GLU A 231 -17.16 -2.95 15.32
N PHE A 232 -17.71 -2.58 16.47
CA PHE A 232 -18.11 -3.52 17.49
C PHE A 232 -19.60 -3.86 17.45
N VAL A 233 -20.28 -3.54 16.35
CA VAL A 233 -21.72 -3.78 16.27
C VAL A 233 -21.99 -5.28 16.31
N VAL A 234 -22.79 -5.71 17.29
CA VAL A 234 -23.17 -7.13 17.40
C VAL A 234 -23.99 -7.52 16.19
N PRO A 235 -23.67 -8.64 15.51
CA PRO A 235 -24.40 -9.02 14.31
C PRO A 235 -25.90 -9.15 14.57
N PHE A 236 -26.67 -8.84 13.52
CA PHE A 236 -28.12 -8.89 13.62
C PHE A 236 -28.72 -8.99 12.24
N ILE A 237 -29.95 -9.50 12.20
CA ILE A 237 -30.75 -9.69 10.99
C ILE A 237 -31.70 -8.52 10.85
N VAL A 238 -32.02 -8.16 9.62
CA VAL A 238 -33.03 -7.14 9.36
C VAL A 238 -34.37 -7.83 9.15
N GLU A 239 -35.38 -7.38 9.87
CA GLU A 239 -36.63 -8.14 10.00
C GLU A 239 -37.32 -8.28 8.65
N ASN A 240 -37.74 -9.50 8.33
CA ASN A 240 -38.44 -9.83 7.09
C ASN A 240 -37.59 -9.57 5.85
N GLN A 241 -36.30 -9.30 6.00
CA GLN A 241 -35.46 -8.92 4.86
C GLN A 241 -34.41 -9.96 4.51
N ASN A 242 -34.24 -10.99 5.34
CA ASN A 242 -33.24 -12.03 5.16
C ASN A 242 -33.97 -13.38 4.99
N ASP A 243 -34.09 -13.84 3.75
CA ASP A 243 -34.73 -15.11 3.44
C ASP A 243 -33.75 -16.29 3.39
N GLY A 244 -32.57 -16.17 4.03
CA GLY A 244 -31.62 -17.25 4.10
C GLY A 244 -30.93 -17.55 2.77
N VAL A 245 -29.91 -18.41 2.80
CA VAL A 245 -29.20 -18.81 1.58
C VAL A 245 -29.36 -20.30 1.37
N VAL A 251 -23.49 -15.79 -4.59
CA VAL A 251 -22.74 -15.07 -3.55
C VAL A 251 -21.43 -14.45 -4.06
N ILE A 252 -21.29 -13.14 -3.82
CA ILE A 252 -20.08 -12.39 -4.17
C ILE A 252 -19.55 -11.70 -2.91
N PHE A 253 -18.24 -11.82 -2.70
CA PHE A 253 -17.54 -11.20 -1.58
C PHE A 253 -16.67 -10.12 -2.20
N TYR A 254 -17.02 -8.84 -2.00
CA TYR A 254 -16.33 -7.80 -2.76
C TYR A 254 -15.11 -7.22 -2.04
N ASN A 255 -14.75 -7.75 -0.87
CA ASN A 255 -13.47 -7.41 -0.27
C ASN A 255 -12.34 -7.90 -1.17
N PHE A 256 -11.29 -7.08 -1.31
CA PHE A 256 -10.14 -7.46 -2.14
C PHE A 256 -8.87 -7.72 -1.33
N ARG A 257 -8.90 -7.60 -0.01
CA ARG A 257 -7.80 -7.89 0.89
C ARG A 257 -8.05 -9.21 1.64
N PRO A 258 -7.22 -10.24 1.45
CA PRO A 258 -7.52 -11.55 2.07
C PRO A 258 -7.43 -11.66 3.59
N ASP A 259 -6.53 -10.96 4.27
CA ASP A 259 -6.21 -11.37 5.63
C ASP A 259 -7.40 -11.27 6.59
N ARG A 260 -8.33 -10.33 6.37
CA ARG A 260 -9.47 -10.19 7.25
C ARG A 260 -10.75 -10.79 6.67
N ALA A 261 -10.73 -11.24 5.43
CA ALA A 261 -11.87 -11.92 4.83
C ALA A 261 -11.75 -13.43 4.91
N ALA A 262 -10.55 -13.96 5.22
CA ALA A 262 -10.29 -15.38 5.07
C ALA A 262 -11.08 -16.22 6.06
N GLN A 263 -10.99 -15.87 7.36
CA GLN A 263 -11.61 -16.67 8.41
C GLN A 263 -13.12 -16.80 8.20
N LEU A 264 -13.78 -15.70 7.81
CA LEU A 264 -15.20 -15.76 7.53
C LEU A 264 -15.46 -16.53 6.23
N SER A 265 -14.57 -16.37 5.25
CA SER A 265 -14.69 -17.14 4.02
C SER A 265 -14.56 -18.63 4.28
N GLU A 266 -13.85 -19.01 5.35
CA GLU A 266 -13.66 -20.42 5.67
C GLU A 266 -14.86 -20.98 6.44
N ILE A 267 -15.37 -20.22 7.40
CA ILE A 267 -16.59 -20.65 8.10
C ILE A 267 -17.72 -20.90 7.09
N PHE A 268 -18.03 -19.89 6.28
CA PHE A 268 -19.13 -20.04 5.31
C PHE A 268 -18.86 -21.20 4.37
N ALA A 269 -17.67 -21.25 3.79
CA ALA A 269 -17.35 -22.29 2.82
C ALA A 269 -17.28 -23.67 3.49
N ASN A 270 -16.49 -23.78 4.55
CA ASN A 270 -16.28 -25.06 5.22
C ASN A 270 -17.53 -25.45 6.00
N GLN A 280 -26.17 -26.43 5.51
CA GLN A 280 -25.55 -27.07 4.34
C GLN A 280 -26.33 -26.73 3.08
N VAL A 281 -25.68 -26.07 2.13
CA VAL A 281 -26.33 -25.58 0.93
C VAL A 281 -25.82 -26.39 -0.26
N LYS A 282 -26.60 -26.38 -1.35
CA LYS A 282 -26.28 -27.14 -2.56
C LYS A 282 -26.40 -26.28 -3.81
N ASP A 283 -25.44 -26.44 -4.71
CA ASP A 283 -25.40 -25.72 -5.99
C ASP A 283 -25.07 -24.23 -5.80
N LEU A 284 -24.11 -23.95 -4.92
CA LEU A 284 -23.77 -22.59 -4.53
C LEU A 284 -22.62 -22.04 -5.36
N PHE A 285 -22.88 -20.95 -6.08
CA PHE A 285 -21.87 -20.18 -6.79
C PHE A 285 -21.24 -19.18 -5.80
N TYR A 286 -19.93 -19.32 -5.56
CA TYR A 286 -19.22 -18.53 -4.56
C TYR A 286 -17.98 -17.89 -5.19
N ALA A 287 -17.97 -16.57 -5.24
CA ALA A 287 -16.87 -15.80 -5.80
C ALA A 287 -16.28 -14.87 -4.75
N THR A 288 -14.99 -14.57 -4.89
CA THR A 288 -14.32 -13.52 -4.14
C THR A 288 -13.66 -12.56 -5.12
N PHE A 289 -13.72 -11.26 -4.82
CA PHE A 289 -13.12 -10.26 -5.71
C PHE A 289 -11.67 -10.62 -6.02
N THR A 290 -10.96 -11.19 -5.04
CA THR A 290 -9.59 -11.65 -5.21
C THR A 290 -9.43 -12.97 -4.45
N LYS A 291 -8.39 -13.71 -4.81
CA LYS A 291 -8.15 -15.01 -4.21
C LYS A 291 -7.68 -14.84 -2.78
N TYR A 292 -8.39 -15.45 -1.83
CA TYR A 292 -7.99 -15.43 -0.43
C TYR A 292 -7.30 -16.74 -0.06
N ASN A 293 -6.65 -16.74 1.10
CA ASN A 293 -6.05 -17.95 1.66
C ASN A 293 -7.04 -18.59 2.64
N ASP A 294 -8.12 -19.11 2.06
CA ASP A 294 -9.27 -19.62 2.82
C ASP A 294 -9.51 -21.11 2.60
N ASN A 295 -8.71 -21.76 1.75
CA ASN A 295 -8.81 -23.20 1.50
C ASN A 295 -10.24 -23.60 1.12
N ILE A 296 -10.65 -23.12 -0.05
CA ILE A 296 -11.89 -23.55 -0.70
C ILE A 296 -11.82 -23.10 -2.15
N ASP A 297 -12.65 -23.72 -3.00
CA ASP A 297 -12.64 -23.45 -4.43
C ASP A 297 -13.66 -22.36 -4.74
N ALA A 298 -13.17 -21.17 -5.06
CA ALA A 298 -14.02 -20.04 -5.40
C ALA A 298 -13.63 -19.47 -6.75
N ALA A 299 -14.63 -18.99 -7.49
CA ALA A 299 -14.35 -18.18 -8.66
C ALA A 299 -13.72 -16.86 -8.23
N ILE A 300 -12.71 -16.43 -8.98
CA ILE A 300 -11.91 -15.27 -8.66
C ILE A 300 -12.19 -14.21 -9.70
N VAL A 301 -12.67 -13.05 -9.24
CA VAL A 301 -13.11 -11.99 -10.14
C VAL A 301 -11.93 -11.27 -10.79
N PHE A 302 -10.85 -11.05 -10.03
CA PHE A 302 -9.74 -10.23 -10.51
C PHE A 302 -8.42 -10.97 -10.33
N GLU A 303 -7.62 -10.99 -11.39
CA GLU A 303 -6.34 -11.66 -11.41
C GLU A 303 -5.24 -10.60 -11.30
N LYS A 304 -4.19 -10.94 -10.56
CA LYS A 304 -3.09 -10.00 -10.30
C LYS A 304 -2.26 -9.78 -11.57
N VAL A 305 -1.58 -8.64 -11.61
CA VAL A 305 -0.52 -8.42 -12.59
C VAL A 305 0.76 -9.02 -12.04
N ASP A 306 1.41 -9.86 -12.84
CA ASP A 306 2.73 -10.35 -12.48
C ASP A 306 3.75 -9.30 -12.88
N LEU A 307 4.60 -8.91 -11.93
CA LEU A 307 5.69 -7.98 -12.19
C LEU A 307 6.94 -8.77 -12.50
N ASN A 308 7.43 -8.65 -13.73
CA ASN A 308 8.74 -9.15 -14.11
C ASN A 308 9.60 -8.00 -14.63
N ASN A 309 10.91 -8.26 -14.71
CA ASN A 309 11.91 -7.32 -15.22
C ASN A 309 12.01 -6.06 -14.37
N THR A 310 11.87 -6.24 -13.07
CA THR A 310 12.27 -5.21 -12.12
C THR A 310 13.78 -5.01 -12.22
N ILE A 311 14.26 -3.94 -11.58
CA ILE A 311 15.69 -3.58 -11.75
C ILE A 311 16.60 -4.73 -11.28
N GLY A 312 16.21 -5.43 -10.22
CA GLY A 312 17.04 -6.54 -9.76
C GLY A 312 17.18 -7.64 -10.81
N GLU A 313 16.11 -7.90 -11.56
CA GLU A 313 16.15 -8.95 -12.58
C GLU A 313 17.02 -8.52 -13.76
N ILE A 314 16.93 -7.24 -14.14
CA ILE A 314 17.73 -6.72 -15.25
C ILE A 314 19.21 -6.70 -14.89
N ALA A 315 19.52 -6.28 -13.65
CA ALA A 315 20.91 -6.36 -13.20
C ALA A 315 21.42 -7.80 -13.34
N GLN A 316 20.65 -8.75 -12.81
CA GLN A 316 21.04 -10.16 -12.86
C GLN A 316 21.30 -10.61 -14.30
N ASN A 317 20.40 -10.25 -15.20
CA ASN A 317 20.49 -10.71 -16.58
C ASN A 317 21.54 -9.97 -17.40
N ASN A 318 22.13 -8.90 -16.87
CA ASN A 318 23.33 -8.30 -17.45
C ASN A 318 24.59 -8.63 -16.65
N ASN A 319 24.53 -9.66 -15.81
CA ASN A 319 25.69 -10.15 -15.07
C ASN A 319 26.27 -9.05 -14.18
N LEU A 320 25.40 -8.30 -13.52
CA LEU A 320 25.84 -7.32 -12.54
C LEU A 320 25.63 -7.90 -11.15
N THR A 321 26.45 -7.44 -10.22
CA THR A 321 26.27 -7.73 -8.81
C THR A 321 25.53 -6.57 -8.17
N GLN A 322 24.72 -6.88 -7.16
CA GLN A 322 23.92 -5.88 -6.49
C GLN A 322 23.88 -6.16 -4.99
N LEU A 323 23.67 -5.10 -4.22
CA LEU A 323 23.53 -5.17 -2.78
C LEU A 323 22.23 -4.45 -2.37
N ARG A 324 21.48 -5.06 -1.47
CA ARG A 324 20.33 -4.44 -0.81
C ARG A 324 20.69 -4.27 0.66
N ILE A 325 20.52 -3.06 1.20
CA ILE A 325 20.99 -2.80 2.55
C ILE A 325 20.11 -1.75 3.24
N ALA A 326 19.79 -2.00 4.50
CA ALA A 326 18.95 -1.16 5.34
C ALA A 326 18.87 -1.78 6.73
N GLU A 327 18.50 -0.95 7.72
CA GLU A 327 18.20 -1.53 9.01
C GLU A 327 16.77 -2.09 9.00
N THR A 328 16.40 -2.77 10.08
CA THR A 328 15.22 -3.63 10.12
C THR A 328 13.98 -2.97 9.53
N GLU A 329 13.70 -1.73 9.94
CA GLU A 329 12.42 -1.10 9.61
C GLU A 329 12.20 -0.90 8.10
N LYS A 330 13.26 -0.77 7.31
CA LYS A 330 13.10 -0.69 5.86
C LYS A 330 13.78 -1.84 5.11
N TYR A 331 14.18 -2.89 5.82
CA TYR A 331 14.74 -4.06 5.13
C TYR A 331 13.73 -4.73 4.19
N PRO A 332 12.47 -4.97 4.57
CA PRO A 332 11.51 -5.50 3.59
C PRO A 332 11.42 -4.66 2.33
N HIS A 333 11.57 -3.34 2.49
CA HIS A 333 11.35 -2.41 1.39
C HIS A 333 12.47 -2.47 0.36
N VAL A 334 13.73 -2.57 0.81
CA VAL A 334 14.80 -2.74 -0.16
C VAL A 334 15.00 -4.19 -0.62
N THR A 335 14.22 -5.15 -0.09
CA THR A 335 14.28 -6.54 -0.56
C THR A 335 12.96 -6.89 -1.23
N TYR A 336 11.98 -7.41 -0.50
CA TYR A 336 10.71 -7.90 -1.05
C TYR A 336 10.02 -6.88 -1.96
N PHE A 337 9.88 -5.64 -1.50
CA PHE A 337 9.10 -4.68 -2.30
C PHE A 337 9.91 -4.18 -3.49
N MET A 338 11.21 -3.93 -3.30
CA MET A 338 12.08 -3.52 -4.39
C MET A 338 12.10 -4.56 -5.51
N SER A 339 12.03 -5.85 -5.15
CA SER A 339 12.07 -6.96 -6.11
C SER A 339 10.69 -7.32 -6.65
N GLY A 340 9.71 -6.45 -6.46
CA GLY A 340 8.41 -6.62 -7.07
C GLY A 340 7.49 -7.59 -6.36
N GLY A 341 7.56 -7.66 -5.04
CA GLY A 341 6.84 -8.68 -4.29
C GLY A 341 7.51 -10.03 -4.28
N ARG A 342 8.84 -10.08 -4.17
CA ARG A 342 9.58 -11.34 -4.22
C ARG A 342 10.65 -11.34 -3.12
N ASN A 343 10.64 -12.38 -2.27
CA ASN A 343 11.63 -12.55 -1.20
C ASN A 343 12.97 -13.10 -1.71
N GLU A 344 12.93 -14.00 -2.69
CA GLU A 344 14.15 -14.65 -3.16
C GLU A 344 15.14 -13.65 -3.76
N GLU A 345 16.41 -13.80 -3.40
CA GLU A 345 17.48 -13.07 -4.04
C GLU A 345 17.61 -13.46 -5.50
N PHE A 346 18.05 -12.49 -6.30
CA PHE A 346 18.46 -12.76 -7.66
C PHE A 346 19.90 -13.27 -7.65
N LYS A 347 20.28 -13.94 -8.73
CA LYS A 347 21.69 -14.32 -8.87
C LYS A 347 22.54 -13.06 -8.95
N GLY A 348 23.63 -13.04 -8.19
CA GLY A 348 24.46 -11.87 -8.06
C GLY A 348 24.04 -10.93 -6.93
N GLU A 349 22.88 -11.17 -6.31
CA GLU A 349 22.38 -10.31 -5.24
C GLU A 349 22.85 -10.78 -3.87
N ARG A 350 23.32 -9.86 -3.05
CA ARG A 350 23.53 -10.10 -1.63
C ARG A 350 22.91 -8.97 -0.83
N ARG A 351 22.77 -9.20 0.48
CA ARG A 351 21.96 -8.36 1.36
C ARG A 351 22.65 -8.18 2.71
N ARG A 352 22.50 -7.00 3.30
CA ARG A 352 22.93 -6.76 4.66
C ARG A 352 21.76 -6.21 5.44
N LEU A 353 21.38 -6.94 6.49
CA LEU A 353 20.38 -6.51 7.46
C LEU A 353 21.13 -5.99 8.69
N ILE A 354 20.83 -4.76 9.08
CA ILE A 354 21.34 -4.15 10.31
CA ILE A 354 21.34 -4.14 10.31
C ILE A 354 20.18 -4.04 11.30
N ASP A 355 20.39 -4.53 12.53
CA ASP A 355 19.31 -4.52 13.52
C ASP A 355 18.96 -3.09 13.93
N SER A 356 17.67 -2.78 13.90
CA SER A 356 17.17 -1.51 14.43
C SER A 356 17.22 -1.54 15.96
N PRO A 357 17.32 -0.38 16.60
CA PRO A 357 17.21 -0.33 18.04
C PRO A 357 15.84 -0.82 18.51
N LYS A 358 15.84 -1.53 19.63
CA LYS A 358 14.58 -1.96 20.25
C LYS A 358 14.03 -0.83 21.13
N VAL A 359 13.16 0.00 20.55
CA VAL A 359 12.50 1.09 21.26
C VAL A 359 11.06 1.10 20.78
N ALA A 360 10.13 1.55 21.62
CA ALA A 360 8.75 1.59 21.18
C ALA A 360 8.54 2.63 20.08
N THR A 361 9.27 3.74 20.14
CA THR A 361 9.18 4.81 19.17
C THR A 361 10.58 5.37 19.00
N TYR A 362 10.92 5.80 17.78
CA TYR A 362 12.31 6.06 17.42
C TYR A 362 12.77 7.48 17.73
N ASP A 363 11.87 8.37 18.17
CA ASP A 363 12.33 9.63 18.74
C ASP A 363 13.25 9.43 19.95
N LEU A 364 13.21 8.24 20.55
CA LEU A 364 14.12 7.96 21.65
C LEU A 364 15.55 7.73 21.19
N LYS A 365 15.78 7.35 19.92
CA LYS A 365 17.13 7.22 19.40
C LYS A 365 17.12 7.61 17.93
N PRO A 366 17.15 8.91 17.64
CA PRO A 366 16.85 9.37 16.27
C PRO A 366 17.87 8.91 15.27
N GLU A 367 19.13 8.69 15.69
CA GLU A 367 20.13 8.14 14.79
C GLU A 367 19.85 6.68 14.43
N MET A 368 18.91 6.05 15.12
CA MET A 368 18.57 4.63 14.92
C MET A 368 19.86 3.83 14.71
N SER A 369 19.93 2.98 13.68
CA SER A 369 21.18 2.28 13.38
C SER A 369 21.86 2.80 12.11
N ALA A 370 21.69 4.08 11.81
CA ALA A 370 22.22 4.63 10.56
C ALA A 370 23.74 4.53 10.48
N TYR A 371 24.44 4.71 11.61
CA TYR A 371 25.91 4.64 11.54
C TYR A 371 26.40 3.22 11.29
N GLU A 372 25.70 2.23 11.85
CA GLU A 372 26.04 0.84 11.58
C GLU A 372 25.67 0.45 10.14
N VAL A 373 24.56 0.99 9.62
CA VAL A 373 24.25 0.83 8.19
C VAL A 373 25.36 1.43 7.35
N LYS A 374 25.80 2.62 7.71
CA LYS A 374 26.87 3.28 6.97
C LYS A 374 28.15 2.46 7.01
N ASP A 375 28.52 1.96 8.20
CA ASP A 375 29.76 1.19 8.29
C ASP A 375 29.65 -0.11 7.50
N ALA A 376 28.50 -0.79 7.56
CA ALA A 376 28.33 -2.00 6.78
C ALA A 376 28.45 -1.72 5.29
N LEU A 377 27.93 -0.59 4.83
CA LEU A 377 28.06 -0.24 3.42
C LEU A 377 29.51 -0.01 3.02
N LEU A 378 30.26 0.74 3.84
CA LEU A 378 31.67 0.98 3.55
C LEU A 378 32.45 -0.34 3.48
N GLU A 379 32.09 -1.30 4.34
CA GLU A 379 32.71 -2.62 4.27
C GLU A 379 32.47 -3.27 2.92
N GLU A 380 31.23 -3.22 2.43
CA GLU A 380 30.92 -3.83 1.14
C GLU A 380 31.57 -3.08 -0.02
N LEU A 381 31.58 -1.74 0.03
CA LEU A 381 32.21 -0.99 -1.05
C LEU A 381 33.70 -1.30 -1.13
N ASN A 382 34.35 -1.55 0.02
CA ASN A 382 35.77 -1.83 0.00
C ASN A 382 36.12 -3.14 -0.67
N LYS A 383 35.17 -4.08 -0.77
CA LYS A 383 35.38 -5.29 -1.56
C LYS A 383 35.58 -4.97 -3.04
N GLY A 384 35.08 -3.82 -3.49
CA GLY A 384 35.20 -3.37 -4.86
C GLY A 384 34.46 -4.16 -5.92
N ASP A 385 33.51 -5.03 -5.56
CA ASP A 385 32.87 -5.93 -6.52
C ASP A 385 31.42 -5.60 -6.85
N LEU A 386 30.93 -4.40 -6.53
CA LEU A 386 29.50 -4.10 -6.65
C LEU A 386 29.22 -3.19 -7.83
N ASP A 387 28.31 -3.63 -8.69
CA ASP A 387 27.79 -2.77 -9.76
C ASP A 387 26.69 -1.85 -9.26
N LEU A 388 25.78 -2.36 -8.43
CA LEU A 388 24.53 -1.69 -8.13
C LEU A 388 24.30 -1.79 -6.63
N ILE A 389 23.96 -0.67 -5.99
CA ILE A 389 23.63 -0.64 -4.56
C ILE A 389 22.26 0.01 -4.37
N ILE A 390 21.42 -0.65 -3.58
CA ILE A 390 20.13 -0.10 -3.18
C ILE A 390 20.15 0.02 -1.65
N LEU A 391 20.25 1.25 -1.16
CA LEU A 391 20.38 1.60 0.24
C LEU A 391 19.23 2.49 0.67
N ASN A 392 18.69 2.23 1.86
CA ASN A 392 17.63 3.04 2.45
C ASN A 392 18.10 3.44 3.84
N PHE A 393 18.01 4.73 4.17
CA PHE A 393 18.18 5.21 5.54
C PHE A 393 16.78 5.46 6.08
N ALA A 394 16.34 4.69 7.08
CA ALA A 394 14.96 4.69 7.54
C ALA A 394 14.60 5.91 8.38
N ASN A 395 15.59 6.65 8.87
CA ASN A 395 15.36 7.53 10.02
C ASN A 395 14.33 8.64 9.79
N PRO A 396 14.36 9.38 8.68
CA PRO A 396 13.45 10.55 8.58
C PRO A 396 11.99 10.14 8.69
N ASP A 397 11.64 8.99 8.13
CA ASP A 397 10.28 8.49 8.20
C ASP A 397 9.97 7.90 9.58
N MET A 398 10.87 7.09 10.12
CA MET A 398 10.52 6.40 11.36
C MET A 398 10.45 7.39 12.53
N VAL A 399 11.35 8.36 12.58
CA VAL A 399 11.29 9.38 13.63
C VAL A 399 10.18 10.39 13.35
N GLY A 400 10.03 10.83 12.09
CA GLY A 400 8.98 11.78 11.75
C GLY A 400 7.58 11.30 12.07
N HIS A 401 7.35 9.98 12.10
CA HIS A 401 6.04 9.50 12.54
C HIS A 401 5.75 9.89 14.00
N SER A 402 6.77 10.32 14.75
CA SER A 402 6.52 10.81 16.11
C SER A 402 5.84 12.17 16.14
N GLY A 403 5.81 12.92 15.05
CA GLY A 403 5.28 14.29 15.12
C GLY A 403 6.03 15.20 16.07
N MET A 404 7.31 14.95 16.33
CA MET A 404 8.14 15.75 17.21
C MET A 404 9.29 16.37 16.40
N LEU A 405 9.44 17.69 16.49
CA LEU A 405 10.36 18.38 15.58
C LEU A 405 11.82 18.12 15.93
N GLU A 406 12.19 18.25 17.20
CA GLU A 406 13.62 18.17 17.45
C GLU A 406 14.17 16.74 17.26
N PRO A 407 13.45 15.69 17.65
CA PRO A 407 13.95 14.34 17.33
C PRO A 407 14.13 14.13 15.83
N THR A 408 13.20 14.63 15.01
CA THR A 408 13.27 14.34 13.58
C THR A 408 14.40 15.12 12.93
N ILE A 409 14.71 16.31 13.45
CA ILE A 409 15.90 17.05 13.02
C ILE A 409 17.17 16.26 13.30
N LYS A 410 17.30 15.71 14.50
CA LYS A 410 18.52 14.97 14.83
C LYS A 410 18.62 13.69 14.00
N ALA A 411 17.49 13.14 13.60
CA ALA A 411 17.46 11.97 12.72
C ALA A 411 18.03 12.31 11.34
N ILE A 412 17.62 13.44 10.79
CA ILE A 412 18.14 13.90 9.51
C ILE A 412 19.61 14.27 9.61
N GLU A 413 20.04 14.85 10.74
CA GLU A 413 21.45 15.23 10.87
C GLU A 413 22.35 14.01 10.93
N ALA A 414 21.92 12.97 11.62
CA ALA A 414 22.70 11.74 11.65
C ALA A 414 22.77 11.10 10.27
N VAL A 415 21.64 11.08 9.56
CA VAL A 415 21.65 10.52 8.21
C VAL A 415 22.57 11.33 7.31
N ASP A 416 22.56 12.66 7.44
CA ASP A 416 23.40 13.48 6.59
C ASP A 416 24.88 13.17 6.78
N GLU A 417 25.31 12.95 8.03
CA GLU A 417 26.70 12.60 8.27
C GLU A 417 27.04 11.25 7.63
N CYS A 418 26.14 10.28 7.76
CA CYS A 418 26.35 8.99 7.11
C CYS A 418 26.38 9.15 5.61
N LEU A 419 25.46 9.95 5.08
CA LEU A 419 25.36 10.16 3.64
C LEU A 419 26.68 10.69 3.06
N GLY A 420 27.32 11.61 3.77
CA GLY A 420 28.59 12.16 3.30
C GLY A 420 29.68 11.10 3.18
N GLU A 421 29.80 10.24 4.19
CA GLU A 421 30.81 9.19 4.10
C GLU A 421 30.50 8.25 2.96
N VAL A 422 29.21 7.98 2.71
CA VAL A 422 28.85 6.99 1.69
C VAL A 422 29.04 7.56 0.30
N VAL A 423 28.50 8.74 0.02
CA VAL A 423 28.56 9.29 -1.32
C VAL A 423 29.99 9.70 -1.68
N ASP A 424 30.75 10.19 -0.70
CA ASP A 424 32.15 10.55 -0.96
C ASP A 424 32.97 9.33 -1.36
N LYS A 425 32.71 8.17 -0.75
CA LYS A 425 33.41 6.94 -1.12
C LYS A 425 33.02 6.49 -2.52
N ILE A 426 31.72 6.45 -2.82
CA ILE A 426 31.26 6.14 -4.18
C ILE A 426 31.96 7.04 -5.19
N LEU A 427 31.98 8.35 -4.93
CA LEU A 427 32.59 9.30 -5.85
C LEU A 427 34.10 9.10 -5.95
N ASP A 428 34.75 8.65 -4.87
CA ASP A 428 36.17 8.34 -4.89
C ASP A 428 36.47 7.01 -5.57
N MET A 429 35.44 6.17 -5.80
CA MET A 429 35.55 4.98 -6.62
C MET A 429 35.10 5.27 -8.05
N ASP A 430 34.99 6.55 -8.40
CA ASP A 430 34.51 7.02 -9.71
C ASP A 430 33.14 6.45 -10.07
N GLY A 431 32.32 6.18 -9.07
CA GLY A 431 30.94 5.77 -9.29
C GLY A 431 29.98 6.93 -9.25
N TYR A 432 28.69 6.58 -9.18
CA TYR A 432 27.60 7.53 -9.25
C TYR A 432 26.59 7.21 -8.16
N ALA A 433 25.96 8.26 -7.63
CA ALA A 433 24.82 8.11 -6.74
C ALA A 433 23.60 8.88 -7.23
N ILE A 434 22.42 8.27 -7.01
CA ILE A 434 21.12 8.94 -7.09
C ILE A 434 20.61 9.02 -5.66
N ILE A 435 20.40 10.25 -5.18
CA ILE A 435 19.94 10.50 -3.82
C ILE A 435 18.50 10.97 -3.94
N THR A 436 17.59 10.26 -3.31
CA THR A 436 16.17 10.59 -3.49
C THR A 436 15.39 10.08 -2.28
N ALA A 437 14.09 9.93 -2.43
CA ALA A 437 13.22 9.43 -1.37
C ALA A 437 12.03 8.69 -1.98
N ASP A 438 11.28 8.00 -1.11
CA ASP A 438 10.15 7.20 -1.54
C ASP A 438 8.79 7.84 -1.26
N HIS A 439 8.74 8.93 -0.48
CA HIS A 439 7.55 9.73 -0.23
C HIS A 439 7.97 10.69 0.88
N GLY A 440 7.10 11.63 1.26
CA GLY A 440 7.44 12.58 2.29
C GLY A 440 6.91 12.16 3.67
N ASN A 441 7.42 12.84 4.70
CA ASN A 441 7.01 12.64 6.09
C ASN A 441 7.66 13.74 6.92
N SER A 442 8.98 13.71 6.99
CA SER A 442 9.70 14.56 7.92
C SER A 442 9.64 16.03 7.51
N ASP A 443 9.24 16.31 6.27
CA ASP A 443 9.03 17.68 5.79
C ASP A 443 7.81 18.33 6.44
N GLN A 444 7.03 17.60 7.22
CA GLN A 444 5.97 18.22 8.00
C GLN A 444 5.65 17.31 9.18
N VAL A 445 6.24 17.62 10.33
CA VAL A 445 5.94 16.91 11.57
C VAL A 445 5.08 17.74 12.54
N LEU A 446 4.77 18.99 12.21
CA LEU A 446 3.76 19.76 12.94
C LEU A 446 2.66 20.28 12.02
N THR A 447 1.43 20.30 12.54
CA THR A 447 0.33 21.01 11.90
C THR A 447 0.58 22.51 11.98
N ASP A 448 -0.22 23.28 11.23
CA ASP A 448 -0.08 24.73 11.28
C ASP A 448 -0.45 25.30 12.65
N ASP A 449 -1.26 24.58 13.44
CA ASP A 449 -1.53 24.93 14.84
C ASP A 449 -0.61 24.20 15.83
N ASP A 450 0.54 23.74 15.36
CA ASP A 450 1.62 23.21 16.19
C ASP A 450 1.22 21.92 16.91
N GLN A 451 0.29 21.21 16.37
CA GLN A 451 0.07 19.88 16.91
C GLN A 451 0.93 18.85 16.17
N PRO A 452 1.20 17.71 16.80
CA PRO A 452 1.96 16.65 16.11
C PRO A 452 1.28 16.23 14.83
N MET A 453 2.06 16.13 13.75
CA MET A 453 1.59 15.63 12.46
C MET A 453 2.37 14.35 12.18
N THR A 454 1.70 13.21 12.28
CA THR A 454 2.36 11.91 12.41
C THR A 454 2.26 11.05 11.16
N THR A 455 1.76 11.58 10.05
CA THR A 455 1.60 10.80 8.82
C THR A 455 2.66 11.17 7.76
N HIS A 456 2.63 10.42 6.65
CA HIS A 456 3.33 10.78 5.43
C HIS A 456 2.70 12.04 4.83
N THR A 457 3.42 12.68 3.90
CA THR A 457 2.88 13.83 3.15
C THR A 457 2.68 13.44 1.69
N THR A 458 2.04 14.35 0.95
CA THR A 458 1.89 14.22 -0.50
C THR A 458 2.94 15.01 -1.25
N ASN A 459 3.96 15.46 -0.58
CA ASN A 459 4.90 16.36 -1.24
C ASN A 459 5.82 15.59 -2.19
N PRO A 460 6.32 16.26 -3.22
CA PRO A 460 7.24 15.61 -4.16
C PRO A 460 8.61 15.45 -3.53
N VAL A 461 9.35 14.47 -4.05
CA VAL A 461 10.64 14.15 -3.43
C VAL A 461 11.78 14.70 -4.27
N PRO A 462 12.87 15.11 -3.62
CA PRO A 462 14.07 15.56 -4.36
C PRO A 462 14.77 14.40 -5.04
N VAL A 463 15.55 14.76 -6.08
CA VAL A 463 16.43 13.86 -6.79
C VAL A 463 17.76 14.58 -7.06
N ILE A 464 18.86 13.97 -6.66
CA ILE A 464 20.21 14.41 -7.01
C ILE A 464 20.89 13.28 -7.79
N VAL A 465 21.46 13.62 -8.95
CA VAL A 465 22.29 12.70 -9.73
C VAL A 465 23.73 13.24 -9.75
N THR A 466 24.66 12.50 -9.16
CA THR A 466 26.03 12.99 -8.97
C THR A 466 26.89 12.67 -10.19
N LYS A 467 26.43 13.18 -11.33
CA LYS A 467 27.16 13.16 -12.58
C LYS A 467 27.15 14.58 -13.13
N GLU A 468 28.34 15.13 -13.39
CA GLU A 468 28.44 16.50 -13.87
C GLU A 468 28.13 16.58 -15.36
N GLY A 469 27.61 17.73 -15.77
CA GLY A 469 27.42 18.01 -17.19
C GLY A 469 26.24 17.31 -17.85
N VAL A 470 25.24 16.90 -17.07
CA VAL A 470 23.98 16.40 -17.60
C VAL A 470 22.86 17.28 -17.08
N THR A 471 21.71 17.18 -17.73
CA THR A 471 20.51 17.93 -17.36
C THR A 471 19.40 16.94 -17.12
N LEU A 472 18.66 17.14 -16.04
CA LEU A 472 17.57 16.25 -15.66
C LEU A 472 16.25 16.81 -16.17
N ARG A 473 15.33 15.91 -16.48
CA ARG A 473 13.97 16.34 -16.79
C ARG A 473 13.41 17.10 -15.60
N GLU A 474 12.54 18.07 -15.88
CA GLU A 474 12.06 18.96 -14.82
C GLU A 474 10.96 18.34 -13.97
N THR A 475 10.44 17.17 -14.34
CA THR A 475 9.55 16.41 -13.47
C THR A 475 9.60 14.93 -13.83
N GLY A 476 8.81 14.12 -13.13
CA GLY A 476 8.90 12.68 -13.23
C GLY A 476 8.18 12.02 -12.06
N ARG A 477 8.45 10.73 -11.89
CA ARG A 477 7.81 9.94 -10.84
C ARG A 477 8.75 8.83 -10.42
N LEU A 478 8.37 8.13 -9.35
CA LEU A 478 9.25 7.09 -8.83
C LEU A 478 9.56 6.03 -9.88
N GLY A 479 8.57 5.66 -10.70
CA GLY A 479 8.77 4.76 -11.83
C GLY A 479 9.90 5.13 -12.80
N ASP A 480 10.43 6.33 -12.71
CA ASP A 480 11.53 6.76 -13.58
C ASP A 480 12.90 6.51 -12.97
N LEU A 481 12.98 6.12 -11.70
CA LEU A 481 14.30 6.04 -11.08
C LEU A 481 15.10 4.85 -11.61
N ALA A 482 14.46 3.70 -11.81
CA ALA A 482 15.21 2.54 -12.29
C ALA A 482 15.72 2.74 -13.71
N PRO A 483 14.89 3.25 -14.62
CA PRO A 483 15.42 3.68 -15.93
C PRO A 483 16.64 4.59 -15.82
N THR A 484 16.65 5.53 -14.86
CA THR A 484 17.81 6.40 -14.70
C THR A 484 19.04 5.61 -14.29
N LEU A 485 18.88 4.71 -13.31
CA LEU A 485 19.97 3.83 -12.92
C LEU A 485 20.52 3.05 -14.10
N LEU A 486 19.62 2.45 -14.88
CA LEU A 486 20.06 1.66 -16.04
C LEU A 486 20.82 2.54 -17.02
N ASP A 487 20.37 3.79 -17.16
CA ASP A 487 21.08 4.77 -17.98
C ASP A 487 22.53 4.90 -17.50
N LEU A 488 22.71 5.16 -16.20
CA LEU A 488 24.05 5.31 -15.64
C LEU A 488 24.86 4.03 -15.72
N LEU A 489 24.21 2.88 -15.77
CA LEU A 489 24.90 1.61 -15.89
C LEU A 489 25.17 1.23 -17.35
N ASN A 490 24.70 2.03 -18.31
CA ASN A 490 24.75 1.66 -19.73
C ASN A 490 24.21 0.26 -19.97
N VAL A 491 23.04 0.00 -19.41
CA VAL A 491 22.32 -1.25 -19.57
C VAL A 491 21.02 -0.98 -20.30
N GLU A 492 20.66 -1.85 -21.24
CA GLU A 492 19.46 -1.68 -22.02
C GLU A 492 18.24 -1.81 -21.12
N GLN A 493 17.26 -0.96 -21.34
CA GLN A 493 16.03 -0.91 -20.56
C GLN A 493 14.97 -1.79 -21.23
N PRO A 494 14.37 -2.74 -20.51
CA PRO A 494 13.35 -3.60 -21.12
C PRO A 494 12.02 -2.87 -21.32
N GLU A 495 11.25 -3.44 -22.24
CA GLU A 495 9.93 -2.88 -22.56
C GLU A 495 9.04 -2.82 -21.35
N ASP A 496 9.13 -3.81 -20.45
CA ASP A 496 8.26 -3.84 -19.27
C ASP A 496 8.38 -2.55 -18.46
N MET A 497 9.54 -1.88 -18.53
CA MET A 497 9.77 -0.64 -17.79
C MET A 497 9.31 0.51 -18.64
N THR A 498 8.11 1.00 -18.37
CA THR A 498 7.54 2.08 -19.13
C THR A 498 7.96 3.45 -18.62
N GLY A 499 8.74 3.51 -17.54
CA GLY A 499 9.27 4.78 -17.09
C GLY A 499 10.34 5.26 -18.04
N GLU A 500 10.83 6.47 -17.76
CA GLU A 500 11.79 7.15 -18.61
C GLU A 500 12.91 7.73 -17.76
N SER A 501 14.16 7.52 -18.19
CA SER A 501 15.31 8.07 -17.48
C SER A 501 15.18 9.57 -17.25
N LEU A 502 15.54 10.01 -16.05
CA LEU A 502 15.50 11.42 -15.71
C LEU A 502 16.65 12.22 -16.34
N ILE A 503 17.63 11.55 -16.91
CA ILE A 503 18.72 12.26 -17.59
C ILE A 503 18.28 12.56 -19.03
N LYS A 504 18.40 13.82 -19.43
CA LYS A 504 18.14 14.21 -20.81
C LYS A 504 19.24 13.72 -21.74
N HIS A 505 18.85 13.34 -22.96
CA HIS A 505 19.81 12.98 -24.00
C HIS A 505 19.60 13.79 -25.28
N GLN B 3 3.75 -8.40 6.85
CA GLN B 3 3.63 -9.86 6.79
C GLN B 3 2.19 -10.40 6.79
N VAL B 4 1.29 -9.81 7.61
CA VAL B 4 -0.07 -10.34 7.72
C VAL B 4 -0.78 -10.32 6.38
N THR B 5 -0.40 -9.38 5.49
CA THR B 5 -1.11 -9.21 4.23
C THR B 5 -0.15 -9.48 3.06
N VAL B 6 -0.48 -8.97 1.86
CA VAL B 6 0.36 -9.16 0.69
C VAL B 6 0.45 -7.84 -0.09
N TRP B 7 1.38 -7.79 -1.06
CA TRP B 7 1.74 -6.51 -1.67
C TRP B 7 0.57 -5.84 -2.38
N TRP B 8 -0.35 -6.61 -2.95
CA TRP B 8 -1.49 -6.06 -3.66
C TRP B 8 -2.69 -5.82 -2.75
N ALA B 9 -2.53 -5.94 -1.43
CA ALA B 9 -3.61 -5.68 -0.49
C ALA B 9 -3.17 -4.79 0.67
N PRO B 11 -0.43 -3.18 2.02
CA PRO B 11 0.62 -3.60 2.95
C PRO B 11 1.13 -2.49 3.87
N TRP B 12 0.71 -1.25 3.60
CA TRP B 12 1.01 -0.12 4.47
C TRP B 12 0.05 0.04 5.66
N GLU B 13 -0.97 -0.78 5.78
CA GLU B 13 -2.05 -0.51 6.73
C GLU B 13 -2.43 -1.76 7.50
N ASP B 14 -2.91 -1.58 8.73
CA ASP B 14 -3.53 -2.66 9.49
C ASP B 14 -2.50 -3.75 9.78
N CYS B 15 -1.39 -3.34 10.41
CA CYS B 15 -0.20 -4.22 10.52
C CYS B 15 0.10 -4.60 11.96
#